data_3QCD
#
_entry.id   3QCD
#
_cell.length_a   75.400
_cell.length_b   75.400
_cell.length_c   151.000
_cell.angle_alpha   90.00
_cell.angle_beta   90.00
_cell.angle_gamma   120.00
#
_symmetry.space_group_name_H-M   'P 32 2 1'
#
loop_
_entity.id
_entity.type
_entity.pdbx_description
1 polymer 'Receptor-type tyrosine-protein phosphatase gamma'
2 non-polymer 'VANADATE ION'
3 non-polymer 'ACETIC ACID'
4 water water
#
_entity_poly.entity_id   1
_entity_poly.type   'polypeptide(L)'
_entity_poly.pdbx_seq_one_letter_code
;GSHMGSMEAIPVKQFVKHIGELYSNNQHGFSEDFEEVQRCTADMNITAEHSNHPENKHKNRYINILAYDHSRVKLRPLPG
KDSKHSDYINANYVDGYNKAKAYIATQGPLKSTFEDFWRMIWEQNTGIIVMITNLVEKGRRKCDQYWPTENSEEYGNIIV
TLKSTKIHACYTVRRFSIRNTKVKKGQKGNPKGRQNERVVIQYHYTQWPDMGVPEYALPVLTFVRRSSAARMPETGPVLV
HCSAGVGRTGTYIVIDSMLQQIKDKSTVNVLGFLKHIRTQRNYLVQTEEQYIFIHDALLEAILGKETEVS
;
_entity_poly.pdbx_strand_id   A
#
loop_
_chem_comp.id
_chem_comp.type
_chem_comp.name
_chem_comp.formula
ACY non-polymer 'ACETIC ACID' 'C2 H4 O2'
VO4 non-polymer 'VANADATE ION' 'O4 V -3'
#
# COMPACT_ATOMS: atom_id res chain seq x y z
N MET A 7 0.80 24.66 -8.54
CA MET A 7 0.42 23.33 -7.99
C MET A 7 0.41 23.34 -6.46
N GLU A 8 -0.30 24.32 -5.89
CA GLU A 8 -0.42 24.42 -4.43
C GLU A 8 -1.60 23.58 -3.93
N ALA A 9 -1.79 23.56 -2.61
CA ALA A 9 -2.89 22.83 -2.02
C ALA A 9 -4.22 23.49 -2.37
N ILE A 10 -5.26 22.68 -2.51
CA ILE A 10 -6.58 23.21 -2.82
C ILE A 10 -7.44 23.26 -1.57
N PRO A 11 -8.07 24.42 -1.31
CA PRO A 11 -9.00 24.53 -0.16
C PRO A 11 -10.12 23.50 -0.28
N VAL A 12 -10.36 22.77 0.80
CA VAL A 12 -11.31 21.67 0.77
C VAL A 12 -12.69 22.13 0.30
N LYS A 13 -13.01 23.38 0.62
CA LYS A 13 -14.31 23.96 0.28
C LYS A 13 -14.43 24.20 -1.23
N GLN A 14 -13.31 24.08 -1.94
CA GLN A 14 -13.30 24.29 -3.38
C GLN A 14 -13.05 22.99 -4.14
N PHE A 15 -12.85 21.89 -3.41
CA PHE A 15 -12.31 20.67 -4.00
C PHE A 15 -13.32 19.91 -4.85
N VAL A 16 -14.57 19.87 -4.41
CA VAL A 16 -15.60 19.15 -5.15
C VAL A 16 -15.92 19.85 -6.46
N LYS A 17 -15.93 21.18 -6.42
CA LYS A 17 -16.04 21.98 -7.64
C LYS A 17 -14.89 21.64 -8.58
N HIS A 18 -13.70 21.50 -8.00
CA HIS A 18 -12.50 21.15 -8.77
C HIS A 18 -12.71 19.81 -9.46
N ILE A 19 -13.26 18.84 -8.74
CA ILE A 19 -13.52 17.52 -9.29
C ILE A 19 -14.50 17.59 -10.47
N GLY A 20 -15.51 18.45 -10.36
CA GLY A 20 -16.43 18.61 -11.47
C GLY A 20 -15.68 19.08 -12.71
N GLU A 21 -14.77 20.02 -12.54
CA GLU A 21 -14.01 20.52 -13.67
C GLU A 21 -13.11 19.43 -14.26
N LEU A 22 -12.47 18.63 -13.42
CA LEU A 22 -11.60 17.55 -13.89
C LEU A 22 -12.37 16.48 -14.66
N TYR A 23 -13.61 16.23 -14.23
CA TYR A 23 -14.47 15.25 -14.88
C TYR A 23 -14.97 15.70 -16.24
N SER A 24 -15.11 17.01 -16.43
CA SER A 24 -15.78 17.52 -17.61
C SER A 24 -15.02 17.22 -18.89
N ASN A 25 -15.73 17.23 -20.02
CA ASN A 25 -15.15 17.01 -21.33
C ASN A 25 -14.41 15.69 -21.39
N ASN A 26 -15.12 14.61 -21.07
CA ASN A 26 -14.57 13.27 -21.11
C ASN A 26 -13.31 13.18 -20.24
N GLN A 27 -13.36 13.83 -19.08
CA GLN A 27 -12.32 13.73 -18.07
C GLN A 27 -10.99 14.26 -18.58
N HIS A 28 -11.05 15.32 -19.40
CA HIS A 28 -9.85 15.96 -19.93
C HIS A 28 -8.88 16.33 -18.80
N GLY A 29 -9.40 17.00 -17.78
CA GLY A 29 -8.55 17.43 -16.67
C GLY A 29 -7.87 16.32 -15.92
N PHE A 30 -8.60 15.23 -15.67
CA PHE A 30 -8.01 14.06 -15.02
C PHE A 30 -6.90 13.45 -15.88
N SER A 31 -7.16 13.36 -17.18
CA SER A 31 -6.19 12.81 -18.12
C SER A 31 -4.90 13.63 -18.11
N GLU A 32 -5.05 14.95 -18.09
CA GLU A 32 -3.89 15.84 -18.01
C GLU A 32 -3.11 15.64 -16.71
N ASP A 33 -3.82 15.59 -15.58
CA ASP A 33 -3.16 15.38 -14.29
C ASP A 33 -2.39 14.07 -14.31
N PHE A 34 -3.05 12.99 -14.73
CA PHE A 34 -2.42 11.69 -14.60
C PHE A 34 -1.23 11.56 -15.55
N GLU A 35 -1.37 12.11 -16.75
CA GLU A 35 -0.27 12.09 -17.71
C GLU A 35 0.92 12.88 -17.18
N GLU A 36 0.64 13.95 -16.45
CA GLU A 36 1.69 14.71 -15.79
C GLU A 36 2.37 13.86 -14.71
N VAL A 37 1.57 13.05 -14.01
CA VAL A 37 2.14 12.13 -13.03
C VAL A 37 3.05 11.12 -13.71
N GLN A 38 2.59 10.54 -14.80
CA GLN A 38 3.35 9.51 -15.46
C GLN A 38 4.64 10.06 -16.09
N ARG A 39 4.65 11.35 -16.42
CA ARG A 39 5.83 11.98 -16.99
C ARG A 39 6.81 12.45 -15.92
N CYS A 40 6.35 12.63 -14.69
CA CYS A 40 7.14 13.34 -13.69
C CYS A 40 8.42 12.62 -13.29
N THR A 41 8.56 11.38 -13.72
CA THR A 41 9.81 10.62 -13.55
C THR A 41 10.77 10.86 -14.72
N ALA A 42 10.24 11.36 -15.83
CA ALA A 42 10.98 11.43 -17.08
C ALA A 42 12.44 11.80 -16.92
N ASP A 43 12.68 12.95 -16.31
CA ASP A 43 14.04 13.46 -16.18
C ASP A 43 14.71 12.93 -14.91
N MET A 44 14.20 11.82 -14.40
CA MET A 44 14.75 11.19 -13.22
C MET A 44 15.16 9.75 -13.47
N ASN A 45 16.44 9.47 -13.27
CA ASN A 45 16.94 8.10 -13.19
C ASN A 45 16.93 7.72 -11.71
N ILE A 46 16.20 6.66 -11.37
CA ILE A 46 16.18 6.20 -9.99
C ILE A 46 16.67 4.76 -9.98
N THR A 47 17.75 4.48 -9.25
CA THR A 47 18.36 3.18 -9.36
C THR A 47 17.60 2.12 -8.57
N ALA A 48 17.65 0.89 -9.09
CA ALA A 48 17.09 -0.26 -8.39
C ALA A 48 18.02 -1.45 -8.60
N GLU A 49 19.29 -1.27 -8.24
CA GLU A 49 20.29 -2.29 -8.51
C GLU A 49 19.95 -3.60 -7.81
N HIS A 50 19.53 -3.52 -6.56
CA HIS A 50 19.28 -4.71 -5.78
C HIS A 50 18.13 -5.54 -6.33
N SER A 51 17.07 -4.86 -6.78
CA SER A 51 15.95 -5.56 -7.39
C SER A 51 16.38 -6.31 -8.65
N ASN A 52 17.35 -5.77 -9.36
CA ASN A 52 17.76 -6.33 -10.64
C ASN A 52 18.88 -7.36 -10.53
N HIS A 53 19.44 -7.52 -9.33
CA HIS A 53 20.52 -8.48 -9.16
C HIS A 53 20.01 -9.90 -9.39
N PRO A 54 20.81 -10.74 -10.05
CA PRO A 54 20.40 -12.11 -10.37
C PRO A 54 19.97 -12.92 -9.15
N GLU A 55 20.64 -12.69 -8.02
CA GLU A 55 20.33 -13.42 -6.80
C GLU A 55 18.96 -13.09 -6.23
N ASN A 56 18.40 -11.95 -6.64
CA ASN A 56 17.13 -11.48 -6.08
C ASN A 56 15.94 -11.63 -7.03
N LYS A 57 16.22 -12.04 -8.27
CA LYS A 57 15.19 -12.13 -9.30
C LYS A 57 13.98 -12.94 -8.85
N HIS A 58 14.22 -14.09 -8.21
CA HIS A 58 13.13 -14.99 -7.85
C HIS A 58 12.30 -14.41 -6.71
N LYS A 59 12.79 -13.33 -6.10
CA LYS A 59 12.10 -12.69 -4.99
C LYS A 59 11.15 -11.58 -5.45
N ASN A 60 11.14 -11.31 -6.75
CA ASN A 60 10.22 -10.33 -7.33
C ASN A 60 9.03 -11.04 -8.00
N ARG A 61 7.82 -10.64 -7.63
CA ARG A 61 6.64 -11.25 -8.23
C ARG A 61 6.54 -10.88 -9.71
N TYR A 62 6.84 -9.62 -10.02
CA TYR A 62 6.78 -9.17 -11.40
C TYR A 62 8.12 -8.55 -11.83
N ILE A 63 8.61 -8.94 -13.00
CA ILE A 63 9.94 -8.50 -13.45
C ILE A 63 10.02 -7.00 -13.64
N ASN A 64 8.89 -6.38 -13.96
CA ASN A 64 8.86 -4.95 -14.27
C ASN A 64 8.56 -4.10 -13.03
N ILE A 65 8.20 -4.75 -11.93
CA ILE A 65 7.85 -4.03 -10.70
C ILE A 65 8.97 -4.12 -9.68
N LEU A 66 9.73 -3.03 -9.55
CA LEU A 66 10.97 -3.03 -8.78
C LEU A 66 10.86 -2.24 -7.48
N ALA A 67 11.91 -2.33 -6.66
CA ALA A 67 12.00 -1.53 -5.46
C ALA A 67 13.18 -0.58 -5.62
N TYR A 68 12.91 0.72 -5.68
CA TYR A 68 13.99 1.70 -5.80
C TYR A 68 14.98 1.53 -4.64
N ASP A 69 16.27 1.60 -4.95
CA ASP A 69 17.32 1.41 -3.93
C ASP A 69 17.20 2.35 -2.75
N HIS A 70 16.95 3.63 -3.00
CA HIS A 70 17.06 4.63 -1.95
C HIS A 70 16.01 4.48 -0.87
N SER A 71 14.84 3.97 -1.25
CA SER A 71 13.71 3.87 -0.35
C SER A 71 13.40 2.42 0.07
N ARG A 72 14.19 1.47 -0.40
CA ARG A 72 13.85 0.06 -0.18
C ARG A 72 13.99 -0.33 1.28
N VAL A 73 13.13 -1.24 1.74
CA VAL A 73 13.24 -1.73 3.10
C VAL A 73 14.33 -2.79 3.17
N LYS A 74 15.26 -2.61 4.09
CA LYS A 74 16.34 -3.57 4.22
C LYS A 74 16.06 -4.55 5.32
N LEU A 75 16.23 -5.83 5.02
CA LEU A 75 16.20 -6.86 6.05
C LEU A 75 17.59 -6.87 6.67
N ARG A 76 17.65 -7.10 7.98
CA ARG A 76 18.93 -7.34 8.64
C ARG A 76 19.57 -8.55 7.99
N PRO A 77 20.87 -8.47 7.65
CA PRO A 77 21.53 -9.59 6.99
C PRO A 77 21.57 -10.86 7.83
N LEU A 78 21.52 -12.01 7.16
CA LEU A 78 21.52 -13.30 7.85
C LEU A 78 22.92 -13.90 7.90
N PRO A 79 23.28 -14.51 9.04
CA PRO A 79 24.64 -15.00 9.32
C PRO A 79 25.16 -15.95 8.24
N SER A 83 23.48 -15.00 3.38
CA SER A 83 23.79 -14.67 2.00
C SER A 83 24.03 -13.17 1.83
N LYS A 84 24.71 -12.80 0.75
CA LYS A 84 25.06 -11.41 0.51
C LYS A 84 23.84 -10.60 0.09
N HIS A 85 22.76 -11.30 -0.27
CA HIS A 85 21.56 -10.63 -0.72
C HIS A 85 20.35 -10.99 0.12
N SER A 86 20.61 -11.48 1.33
CA SER A 86 19.54 -11.83 2.25
C SER A 86 18.87 -10.58 2.81
N ASP A 87 19.35 -9.41 2.41
CA ASP A 87 18.79 -8.17 2.91
C ASP A 87 17.65 -7.66 2.03
N TYR A 88 17.40 -8.35 0.93
CA TYR A 88 16.47 -7.84 -0.08
C TYR A 88 15.02 -8.33 0.05
N ILE A 89 14.11 -7.37 0.01
CA ILE A 89 12.69 -7.67 -0.20
C ILE A 89 12.10 -6.59 -1.11
N ASN A 90 11.19 -6.96 -2.00
CA ASN A 90 10.62 -5.99 -2.91
C ASN A 90 9.61 -5.17 -2.13
N ALA A 91 10.11 -4.12 -1.49
CA ALA A 91 9.30 -3.28 -0.60
C ALA A 91 9.98 -1.92 -0.49
N ASN A 92 9.16 -0.87 -0.36
CA ASN A 92 9.68 0.49 -0.21
C ASN A 92 8.98 1.25 0.92
N TYR A 93 9.75 2.04 1.66
CA TYR A 93 9.15 3.05 2.53
C TYR A 93 8.46 4.08 1.65
N VAL A 94 7.27 4.50 2.06
CA VAL A 94 6.56 5.58 1.39
C VAL A 94 6.06 6.57 2.42
N ASP A 95 6.20 7.86 2.10
CA ASP A 95 5.79 8.91 3.03
C ASP A 95 4.28 8.94 3.20
N GLY A 96 3.83 9.40 4.35
CA GLY A 96 2.43 9.74 4.53
C GLY A 96 2.30 11.24 4.65
N TYR A 97 1.17 11.70 5.17
CA TYR A 97 0.99 13.13 5.37
C TYR A 97 1.87 13.60 6.53
N ASN A 98 2.85 14.43 6.21
CA ASN A 98 3.68 15.05 7.23
C ASN A 98 4.41 14.01 8.08
N LYS A 99 4.70 12.86 7.48
CA LYS A 99 5.40 11.79 8.20
C LYS A 99 6.17 10.95 7.21
N ALA A 100 7.49 10.92 7.37
CA ALA A 100 8.33 10.11 6.50
C ALA A 100 8.15 8.64 6.87
N LYS A 101 8.27 7.77 5.88
CA LYS A 101 8.21 6.32 6.12
C LYS A 101 6.95 5.93 6.89
N ALA A 102 5.82 6.55 6.54
CA ALA A 102 4.56 6.21 7.19
C ALA A 102 4.07 4.83 6.74
N TYR A 103 4.47 4.40 5.53
CA TYR A 103 4.04 3.11 5.02
C TYR A 103 5.22 2.29 4.53
N ILE A 104 5.04 0.97 4.52
CA ILE A 104 5.83 0.14 3.65
C ILE A 104 4.89 -0.38 2.56
N ALA A 105 5.21 -0.07 1.29
CA ALA A 105 4.47 -0.57 0.15
C ALA A 105 5.23 -1.74 -0.46
N THR A 106 4.57 -2.89 -0.54
CA THR A 106 5.27 -4.07 -0.98
C THR A 106 4.35 -4.96 -1.81
N GLN A 107 4.94 -5.87 -2.58
CA GLN A 107 4.19 -6.83 -3.37
C GLN A 107 3.51 -7.86 -2.48
N GLY A 108 2.55 -8.59 -3.05
CA GLY A 108 2.03 -9.75 -2.35
C GLY A 108 3.12 -10.79 -2.27
N PRO A 109 3.42 -11.29 -1.06
CA PRO A 109 4.52 -12.22 -0.81
C PRO A 109 4.38 -13.50 -1.61
N LEU A 110 5.50 -13.98 -2.13
CA LEU A 110 5.58 -15.31 -2.74
C LEU A 110 5.85 -16.33 -1.65
N LYS A 111 5.58 -17.60 -1.93
CA LYS A 111 5.93 -18.65 -0.98
C LYS A 111 7.42 -18.55 -0.63
N SER A 112 8.24 -18.26 -1.63
CA SER A 112 9.68 -18.15 -1.41
C SER A 112 10.09 -16.94 -0.58
N THR A 113 9.17 -16.00 -0.37
CA THR A 113 9.49 -14.80 0.41
C THR A 113 8.67 -14.65 1.69
N PHE A 114 7.87 -15.66 2.02
CA PHE A 114 7.08 -15.62 3.25
C PHE A 114 7.94 -15.30 4.47
N GLU A 115 9.10 -15.94 4.57
CA GLU A 115 9.96 -15.74 5.73
C GLU A 115 10.47 -14.30 5.75
N ASP A 116 10.92 -13.82 4.59
CA ASP A 116 11.39 -12.43 4.46
C ASP A 116 10.28 -11.47 4.86
N PHE A 117 9.08 -11.75 4.39
CA PHE A 117 7.93 -10.90 4.66
C PHE A 117 7.66 -10.74 6.14
N TRP A 118 7.61 -11.85 6.87
CA TRP A 118 7.31 -11.79 8.30
C TRP A 118 8.51 -11.26 9.09
N ARG A 119 9.71 -11.48 8.58
CA ARG A 119 10.89 -10.96 9.24
C ARG A 119 10.87 -9.43 9.17
N MET A 120 10.48 -8.91 8.01
CA MET A 120 10.35 -7.46 7.84
C MET A 120 9.34 -6.93 8.84
N ILE A 121 8.20 -7.60 8.95
CA ILE A 121 7.18 -7.14 9.86
C ILE A 121 7.69 -7.09 11.29
N TRP A 122 8.48 -8.08 11.68
CA TRP A 122 9.03 -8.10 13.02
C TRP A 122 10.07 -6.99 13.18
N GLU A 123 11.03 -6.96 12.28
CA GLU A 123 12.11 -5.98 12.36
C GLU A 123 11.63 -4.52 12.30
N GLN A 124 10.56 -4.29 11.55
CA GLN A 124 10.05 -2.92 11.36
C GLN A 124 9.02 -2.55 12.40
N ASN A 125 8.66 -3.51 13.25
CA ASN A 125 7.67 -3.28 14.30
C ASN A 125 6.30 -2.88 13.73
N THR A 126 5.96 -3.46 12.59
CA THR A 126 4.68 -3.19 11.95
C THR A 126 3.55 -3.84 12.72
N GLY A 127 2.44 -3.11 12.87
CA GLY A 127 1.31 -3.62 13.62
C GLY A 127 0.05 -3.74 12.78
N ILE A 128 0.06 -3.12 11.61
CA ILE A 128 -1.08 -3.14 10.70
C ILE A 128 -0.65 -3.62 9.32
N ILE A 129 -1.38 -4.60 8.77
CA ILE A 129 -1.22 -4.99 7.37
C ILE A 129 -2.49 -4.58 6.62
N VAL A 130 -2.33 -3.87 5.50
CA VAL A 130 -3.46 -3.56 4.63
C VAL A 130 -3.29 -4.35 3.35
N MET A 131 -4.21 -5.27 3.10
CA MET A 131 -4.15 -6.12 1.92
C MET A 131 -5.31 -5.74 1.00
N ILE A 132 -5.02 -5.42 -0.26
CA ILE A 132 -6.06 -4.90 -1.15
C ILE A 132 -6.08 -5.71 -2.45
N THR A 133 -6.05 -7.02 -2.31
CA THR A 133 -6.20 -7.91 -3.44
C THR A 133 -6.75 -9.20 -2.86
N ASN A 134 -7.43 -9.98 -3.68
CA ASN A 134 -7.74 -11.36 -3.28
C ASN A 134 -6.57 -12.25 -3.70
N LEU A 135 -6.48 -13.43 -3.09
CA LEU A 135 -5.39 -14.34 -3.41
C LEU A 135 -5.44 -14.75 -4.89
N VAL A 136 -6.65 -15.00 -5.36
CA VAL A 136 -6.89 -15.32 -6.76
C VAL A 136 -8.02 -14.45 -7.28
N GLU A 137 -7.84 -13.90 -8.48
CA GLU A 137 -8.85 -13.06 -9.11
C GLU A 137 -9.08 -13.52 -10.54
N LYS A 138 -10.33 -13.80 -10.88
CA LYS A 138 -10.67 -14.31 -12.21
C LYS A 138 -9.80 -15.50 -12.57
N GLY A 139 -9.63 -16.42 -11.61
CA GLY A 139 -8.84 -17.60 -11.87
C GLY A 139 -7.34 -17.35 -12.00
N ARG A 140 -6.91 -16.14 -11.68
CA ARG A 140 -5.50 -15.77 -11.80
C ARG A 140 -4.84 -15.55 -10.44
N ARG A 141 -3.63 -16.10 -10.27
CA ARG A 141 -2.91 -16.00 -9.01
C ARG A 141 -2.41 -14.56 -8.79
N LYS A 142 -2.82 -13.96 -7.68
CA LYS A 142 -2.40 -12.58 -7.36
C LYS A 142 -1.50 -12.53 -6.12
N CYS A 143 -1.77 -13.40 -5.16
CA CYS A 143 -1.05 -13.39 -3.89
C CYS A 143 -1.15 -14.78 -3.24
N ASP A 144 -0.04 -15.26 -2.69
CA ASP A 144 -0.05 -16.54 -1.98
C ASP A 144 -0.46 -16.28 -0.54
N GLN A 145 -1.12 -17.25 0.09
CA GLN A 145 -1.60 -17.02 1.45
C GLN A 145 -0.46 -17.13 2.46
N TYR A 146 -0.07 -15.99 3.02
CA TYR A 146 1.09 -15.91 3.89
C TYR A 146 0.71 -15.99 5.36
N TRP A 147 -0.56 -16.26 5.64
CA TRP A 147 -1.02 -16.38 7.00
C TRP A 147 -1.75 -17.72 7.15
N PRO A 148 -1.90 -18.22 8.39
CA PRO A 148 -2.57 -19.50 8.65
C PRO A 148 -4.09 -19.41 8.52
N THR A 149 -4.67 -20.40 7.85
CA THR A 149 -6.12 -20.45 7.70
C THR A 149 -6.77 -20.63 9.07
N GLU A 150 -6.15 -21.44 9.91
CA GLU A 150 -6.56 -21.56 11.30
C GLU A 150 -5.37 -21.80 12.22
N ASN A 151 -5.52 -21.42 13.49
CA ASN A 151 -4.49 -21.65 14.49
C ASN A 151 -3.16 -20.99 14.12
N SER A 152 -2.08 -21.76 14.16
CA SER A 152 -0.74 -21.18 14.03
C SER A 152 0.05 -21.74 12.86
N GLU A 153 0.97 -20.94 12.34
CA GLU A 153 1.90 -21.39 11.33
C GLU A 153 3.25 -20.70 11.52
N GLU A 154 4.32 -21.37 11.11
CA GLU A 154 5.66 -20.87 11.36
C GLU A 154 6.34 -20.45 10.05
N TYR A 155 6.87 -19.24 10.03
CA TYR A 155 7.64 -18.76 8.90
C TYR A 155 9.01 -18.32 9.41
N GLY A 156 10.01 -19.15 9.20
CA GLY A 156 11.31 -18.89 9.81
C GLY A 156 11.16 -18.88 11.32
N ASN A 157 11.69 -17.84 11.97
CA ASN A 157 11.63 -17.73 13.41
C ASN A 157 10.39 -16.97 13.87
N ILE A 158 9.49 -16.68 12.94
CA ILE A 158 8.24 -16.03 13.30
C ILE A 158 7.07 -17.03 13.28
N ILE A 159 6.38 -17.13 14.40
CA ILE A 159 5.18 -17.95 14.49
C ILE A 159 3.94 -17.07 14.55
N VAL A 160 3.05 -17.28 13.58
CA VAL A 160 1.85 -16.45 13.45
C VAL A 160 0.63 -17.23 13.93
N THR A 161 -0.16 -16.64 14.80
CA THR A 161 -1.36 -17.29 15.32
C THR A 161 -2.62 -16.48 15.06
N LEU A 162 -3.54 -17.05 14.28
CA LEU A 162 -4.82 -16.39 14.04
C LEU A 162 -5.67 -16.40 15.30
N LYS A 163 -6.03 -15.22 15.79
CA LYS A 163 -6.82 -15.11 17.01
C LYS A 163 -8.31 -14.94 16.73
N SER A 164 -8.65 -14.01 15.85
CA SER A 164 -10.05 -13.75 15.52
C SER A 164 -10.20 -13.26 14.09
N THR A 165 -11.41 -13.42 13.55
CA THR A 165 -11.71 -12.93 12.22
C THR A 165 -13.10 -12.30 12.23
N LYS A 166 -13.24 -11.16 11.57
CA LYS A 166 -14.55 -10.62 11.28
C LYS A 166 -14.69 -10.30 9.80
N ILE A 167 -15.73 -10.86 9.19
CA ILE A 167 -15.93 -10.69 7.75
C ILE A 167 -17.09 -9.73 7.53
N HIS A 168 -16.76 -8.55 7.04
CA HIS A 168 -17.76 -7.56 6.67
C HIS A 168 -18.07 -7.73 5.19
N ALA A 169 -19.02 -6.94 4.68
CA ALA A 169 -19.43 -7.04 3.28
C ALA A 169 -18.28 -6.86 2.29
N CYS A 170 -17.41 -5.89 2.55
CA CYS A 170 -16.40 -5.49 1.58
C CYS A 170 -14.97 -5.72 2.04
N TYR A 171 -14.80 -6.03 3.31
CA TYR A 171 -13.47 -6.32 3.82
C TYR A 171 -13.51 -7.23 5.03
N THR A 172 -12.37 -7.88 5.29
CA THR A 172 -12.24 -8.80 6.40
C THR A 172 -11.12 -8.32 7.33
N VAL A 173 -11.35 -8.43 8.63
CA VAL A 173 -10.31 -8.08 9.62
C VAL A 173 -9.84 -9.33 10.33
N ARG A 174 -8.55 -9.65 10.17
CA ARG A 174 -7.96 -10.78 10.88
C ARG A 174 -6.99 -10.30 11.95
N ARG A 175 -7.17 -10.78 13.17
CA ARG A 175 -6.29 -10.42 14.28
C ARG A 175 -5.31 -11.55 14.56
N PHE A 176 -4.02 -11.25 14.44
CA PHE A 176 -2.98 -12.23 14.69
C PHE A 176 -2.20 -11.92 15.95
N SER A 177 -1.58 -12.94 16.51
CA SER A 177 -0.50 -12.79 17.48
C SER A 177 0.73 -13.42 16.85
N ILE A 178 1.84 -12.69 16.83
CA ILE A 178 3.08 -13.25 16.31
C ILE A 178 4.16 -13.24 17.39
N ARG A 179 5.06 -14.21 17.31
CA ARG A 179 6.18 -14.26 18.25
C ARG A 179 7.45 -14.71 17.56
N ASN A 180 8.58 -14.21 18.06
CA ASN A 180 9.88 -14.56 17.50
C ASN A 180 10.47 -15.70 18.33
N THR A 181 10.71 -16.84 17.70
CA THR A 181 11.28 -17.98 18.39
C THR A 181 12.73 -17.67 18.77
N LYS A 182 13.31 -16.71 18.05
CA LYS A 182 14.64 -16.18 18.35
C LYS A 182 15.73 -17.21 18.01
N GLN A 195 8.17 -16.52 24.21
CA GLN A 195 8.99 -15.50 23.57
C GLN A 195 8.25 -14.16 23.48
N ASN A 196 8.87 -13.19 22.83
CA ASN A 196 8.27 -11.87 22.67
C ASN A 196 7.09 -11.96 21.70
N GLU A 197 5.95 -11.38 22.07
CA GLU A 197 4.75 -11.46 21.26
C GLU A 197 4.22 -10.08 20.86
N ARG A 198 3.67 -9.98 19.65
CA ARG A 198 3.05 -8.75 19.20
C ARG A 198 1.72 -9.01 18.51
N VAL A 199 0.78 -8.08 18.68
CA VAL A 199 -0.45 -8.09 17.90
C VAL A 199 -0.19 -7.55 16.50
N VAL A 200 -0.69 -8.25 15.48
CA VAL A 200 -0.73 -7.70 14.14
C VAL A 200 -2.16 -7.85 13.59
N ILE A 201 -2.72 -6.74 13.12
CA ILE A 201 -4.06 -6.77 12.56
C ILE A 201 -4.00 -6.57 11.05
N GLN A 202 -4.64 -7.48 10.31
CA GLN A 202 -4.67 -7.41 8.87
C GLN A 202 -6.04 -6.90 8.43
N TYR A 203 -6.04 -5.84 7.63
CA TYR A 203 -7.28 -5.32 7.03
C TYR A 203 -7.28 -5.68 5.56
N HIS A 204 -8.23 -6.52 5.16
CA HIS A 204 -8.16 -7.20 3.86
C HIS A 204 -9.38 -6.77 3.04
N TYR A 205 -9.19 -5.86 2.08
CA TYR A 205 -10.31 -5.44 1.26
C TYR A 205 -10.52 -6.50 0.18
N THR A 206 -11.76 -6.97 0.06
CA THR A 206 -12.01 -8.19 -0.70
C THR A 206 -12.76 -7.98 -2.02
N GLN A 207 -13.04 -6.73 -2.38
CA GLN A 207 -13.81 -6.45 -3.59
C GLN A 207 -13.22 -5.35 -4.47
N TRP A 208 -11.91 -5.41 -4.72
CA TRP A 208 -11.25 -4.40 -5.54
C TRP A 208 -10.39 -5.06 -6.60
N PRO A 209 -10.90 -5.13 -7.85
CA PRO A 209 -10.20 -5.80 -8.97
C PRO A 209 -8.88 -5.14 -9.39
N ASP A 210 -7.91 -5.99 -9.72
CA ASP A 210 -6.60 -5.54 -10.20
C ASP A 210 -6.74 -4.63 -11.42
N MET A 211 -6.06 -3.48 -11.38
CA MET A 211 -6.10 -2.53 -12.48
C MET A 211 -7.48 -1.89 -12.65
N GLY A 212 -8.34 -2.07 -11.67
CA GLY A 212 -9.68 -1.51 -11.74
C GLY A 212 -10.00 -0.65 -10.55
N VAL A 213 -11.26 -0.23 -10.45
CA VAL A 213 -11.75 0.42 -9.26
C VAL A 213 -13.16 -0.08 -8.96
N PRO A 214 -13.52 -0.13 -7.68
CA PRO A 214 -14.91 -0.37 -7.27
C PRO A 214 -15.82 0.69 -7.89
N GLU A 215 -17.11 0.37 -8.06
CA GLU A 215 -18.04 1.32 -8.64
C GLU A 215 -18.30 2.47 -7.68
N TYR A 216 -18.35 2.17 -6.40
CA TYR A 216 -18.65 3.16 -5.38
C TYR A 216 -17.49 3.35 -4.42
N ALA A 217 -17.27 4.58 -3.99
CA ALA A 217 -16.08 4.89 -3.21
C ALA A 217 -16.31 4.75 -1.71
N LEU A 218 -17.56 4.85 -1.28
CA LEU A 218 -17.83 4.89 0.15
C LEU A 218 -17.30 3.66 0.91
N PRO A 219 -17.47 2.45 0.33
CA PRO A 219 -16.97 1.28 1.05
C PRO A 219 -15.45 1.30 1.25
N VAL A 220 -14.73 1.83 0.27
CA VAL A 220 -13.29 1.99 0.42
C VAL A 220 -12.93 3.09 1.41
N LEU A 221 -13.66 4.20 1.37
CA LEU A 221 -13.49 5.25 2.36
C LEU A 221 -13.64 4.70 3.78
N THR A 222 -14.66 3.87 4.00
CA THR A 222 -14.85 3.28 5.32
C THR A 222 -13.66 2.38 5.65
N PHE A 223 -13.23 1.58 4.69
CA PHE A 223 -12.11 0.68 4.88
C PHE A 223 -10.84 1.47 5.25
N VAL A 224 -10.61 2.58 4.56
CA VAL A 224 -9.42 3.39 4.85
C VAL A 224 -9.52 4.00 6.25
N ARG A 225 -10.71 4.50 6.60
CA ARG A 225 -10.89 5.11 7.90
C ARG A 225 -10.67 4.13 9.04
N ARG A 226 -11.19 2.91 8.90
CA ARG A 226 -11.10 1.95 9.98
C ARG A 226 -9.69 1.38 10.10
N SER A 227 -9.03 1.15 8.97
CA SER A 227 -7.69 0.60 9.00
C SER A 227 -6.67 1.64 9.42
N SER A 228 -6.94 2.90 9.09
CA SER A 228 -6.03 3.98 9.49
C SER A 228 -6.15 4.27 10.99
N ALA A 229 -7.37 4.23 11.51
CA ALA A 229 -7.62 4.50 12.91
C ALA A 229 -6.96 3.45 13.80
N ALA A 230 -6.77 2.25 13.23
CA ALA A 230 -6.23 1.14 14.01
C ALA A 230 -4.72 1.28 14.25
N ARG A 231 -4.08 2.21 13.54
CA ARG A 231 -2.65 2.44 13.73
C ARG A 231 -2.41 2.77 15.20
N MET A 232 -1.44 2.09 15.81
CA MET A 232 -1.09 2.35 17.21
C MET A 232 0.12 3.27 17.32
N PRO A 233 0.02 4.30 18.17
CA PRO A 233 1.22 5.03 18.61
C PRO A 233 1.90 4.20 19.70
N GLU A 234 3.22 4.12 19.67
CA GLU A 234 4.01 4.59 18.55
C GLU A 234 4.64 3.34 17.95
N THR A 235 4.25 3.00 16.73
CA THR A 235 4.62 1.72 16.13
C THR A 235 5.28 1.90 14.78
N GLY A 236 5.60 0.79 14.13
CA GLY A 236 6.27 0.86 12.85
C GLY A 236 5.36 1.31 11.72
N PRO A 237 5.88 1.35 10.49
CA PRO A 237 5.06 1.77 9.34
C PRO A 237 3.92 0.79 9.09
N VAL A 238 2.80 1.29 8.59
CA VAL A 238 1.70 0.42 8.14
C VAL A 238 2.12 -0.26 6.82
N LEU A 239 2.00 -1.58 6.77
CA LEU A 239 2.34 -2.32 5.56
C LEU A 239 1.12 -2.38 4.65
N VAL A 240 1.30 -2.01 3.38
CA VAL A 240 0.23 -1.99 2.41
C VAL A 240 0.66 -2.80 1.20
N HIS A 241 -0.18 -3.73 0.77
CA HIS A 241 0.19 -4.50 -0.41
C HIS A 241 -1.05 -4.89 -1.19
N CYS A 242 -0.87 -5.12 -2.48
CA CYS A 242 -1.87 -5.83 -3.29
C CYS A 242 -1.11 -6.97 -3.95
N SER A 243 -1.11 -7.04 -5.28
CA SER A 243 -0.35 -8.08 -5.96
C SER A 243 1.04 -7.57 -6.35
N ALA A 244 1.08 -6.51 -7.16
CA ALA A 244 2.35 -5.87 -7.52
C ALA A 244 2.79 -4.88 -6.44
N GLY A 245 1.82 -4.38 -5.68
CA GLY A 245 2.13 -3.46 -4.60
C GLY A 245 2.30 -2.02 -5.06
N VAL A 246 1.66 -1.64 -6.16
CA VAL A 246 1.77 -0.28 -6.65
C VAL A 246 0.43 0.42 -6.94
N GLY A 247 -0.47 -0.27 -7.62
CA GLY A 247 -1.69 0.39 -8.08
C GLY A 247 -2.73 0.63 -6.99
N ARG A 248 -3.33 -0.44 -6.51
CA ARG A 248 -4.28 -0.34 -5.42
C ARG A 248 -3.57 0.17 -4.17
N THR A 249 -2.33 -0.26 -4.00
CA THR A 249 -1.56 0.14 -2.84
C THR A 249 -1.38 1.65 -2.81
N GLY A 250 -0.98 2.21 -3.95
CA GLY A 250 -0.77 3.65 -4.05
C GLY A 250 -2.05 4.41 -3.87
N THR A 251 -3.14 3.87 -4.38
CA THR A 251 -4.43 4.52 -4.26
C THR A 251 -4.83 4.63 -2.79
N TYR A 252 -4.62 3.55 -2.03
CA TYR A 252 -4.90 3.56 -0.60
C TYR A 252 -4.07 4.65 0.09
N ILE A 253 -2.79 4.66 -0.21
CA ILE A 253 -1.88 5.57 0.48
C ILE A 253 -2.26 7.03 0.26
N VAL A 254 -2.61 7.37 -0.99
CA VAL A 254 -3.02 8.74 -1.28
C VAL A 254 -4.33 9.11 -0.59
N ILE A 255 -5.32 8.22 -0.62
CA ILE A 255 -6.56 8.52 0.07
C ILE A 255 -6.33 8.73 1.57
N ASP A 256 -5.60 7.82 2.19
CA ASP A 256 -5.34 7.91 3.63
C ASP A 256 -4.61 9.23 3.93
N SER A 257 -3.57 9.50 3.16
CA SER A 257 -2.75 10.68 3.41
C SER A 257 -3.53 11.98 3.22
N MET A 258 -4.43 12.04 2.24
CA MET A 258 -5.15 13.25 1.97
C MET A 258 -6.29 13.46 2.96
N LEU A 259 -6.83 12.37 3.48
CA LEU A 259 -7.76 12.46 4.59
C LEU A 259 -7.07 13.13 5.77
N GLN A 260 -5.83 12.77 6.01
CA GLN A 260 -5.07 13.35 7.10
C GLN A 260 -4.85 14.84 6.88
N GLN A 261 -4.48 15.21 5.65
CA GLN A 261 -4.24 16.62 5.35
C GLN A 261 -5.52 17.43 5.48
N ILE A 262 -6.63 16.86 5.03
CA ILE A 262 -7.91 17.52 5.21
C ILE A 262 -8.21 17.74 6.69
N LYS A 263 -7.89 16.74 7.50
CA LYS A 263 -8.15 16.85 8.94
C LYS A 263 -7.28 17.95 9.55
N ASP A 264 -6.05 18.06 9.08
CA ASP A 264 -5.10 18.98 9.68
C ASP A 264 -5.20 20.42 9.15
N LYS A 265 -5.38 20.56 7.84
CA LYS A 265 -5.27 21.87 7.22
C LYS A 265 -6.49 22.25 6.38
N SER A 266 -7.39 21.30 6.18
CA SER A 266 -8.59 21.54 5.37
C SER A 266 -8.21 21.91 3.95
N THR A 267 -7.10 21.34 3.49
CA THR A 267 -6.66 21.50 2.11
C THR A 267 -6.31 20.13 1.54
N VAL A 268 -6.26 20.04 0.22
CA VAL A 268 -6.01 18.77 -0.44
C VAL A 268 -4.97 18.97 -1.53
N ASN A 269 -4.06 18.02 -1.66
CA ASN A 269 -3.04 18.12 -2.70
C ASN A 269 -2.71 16.77 -3.33
N VAL A 270 -3.67 16.17 -4.00
CA VAL A 270 -3.46 14.85 -4.59
C VAL A 270 -2.31 14.84 -5.59
N LEU A 271 -2.32 15.80 -6.52
CA LEU A 271 -1.36 15.77 -7.63
C LEU A 271 0.06 15.89 -7.11
N GLY A 272 0.27 16.84 -6.20
CA GLY A 272 1.60 17.06 -5.65
C GLY A 272 2.07 15.91 -4.79
N PHE A 273 1.19 15.37 -3.96
CA PHE A 273 1.58 14.28 -3.08
C PHE A 273 1.88 13.03 -3.89
N LEU A 274 1.08 12.78 -4.92
CA LEU A 274 1.32 11.60 -5.75
C LEU A 274 2.65 11.71 -6.51
N LYS A 275 2.95 12.88 -7.05
CA LYS A 275 4.21 13.03 -7.78
C LYS A 275 5.37 12.75 -6.84
N HIS A 276 5.21 13.13 -5.57
CA HIS A 276 6.26 12.92 -4.60
C HIS A 276 6.49 11.45 -4.28
N ILE A 277 5.43 10.71 -3.95
CA ILE A 277 5.63 9.31 -3.59
C ILE A 277 6.02 8.46 -4.79
N ARG A 278 5.79 8.96 -6.00
CA ARG A 278 6.22 8.26 -7.21
C ARG A 278 7.75 8.15 -7.28
N THR A 279 8.46 9.00 -6.52
CA THR A 279 9.90 8.83 -6.42
C THR A 279 10.30 7.75 -5.42
N GLN A 280 9.34 7.28 -4.62
CA GLN A 280 9.66 6.32 -3.58
C GLN A 280 9.31 4.86 -3.93
N ARG A 281 8.34 4.66 -4.81
CA ARG A 281 8.14 3.33 -5.39
C ARG A 281 7.49 3.44 -6.77
N ASN A 282 7.98 2.68 -7.73
CA ASN A 282 7.52 2.88 -9.10
C ASN A 282 6.02 2.63 -9.24
N TYR A 283 5.37 3.49 -10.02
CA TYR A 283 4.01 3.21 -10.52
C TYR A 283 2.91 3.28 -9.49
N LEU A 284 3.17 3.88 -8.33
CA LEU A 284 2.11 4.02 -7.33
C LEU A 284 0.93 4.75 -7.96
N VAL A 285 -0.26 4.16 -7.82
CA VAL A 285 -1.44 4.58 -8.58
C VAL A 285 -1.23 4.36 -10.07
N GLN A 286 -1.69 3.21 -10.56
CA GLN A 286 -1.27 2.72 -11.88
C GLN A 286 -2.07 3.29 -13.04
N THR A 287 -3.33 3.63 -12.79
CA THR A 287 -4.23 4.04 -13.87
C THR A 287 -4.94 5.34 -13.59
N GLU A 288 -5.37 6.00 -14.67
CA GLU A 288 -6.13 7.23 -14.56
C GLU A 288 -7.44 6.95 -13.79
N GLU A 289 -7.98 5.76 -13.97
CA GLU A 289 -9.22 5.41 -13.30
C GLU A 289 -9.02 5.38 -11.78
N GLN A 290 -7.87 4.87 -11.37
CA GLN A 290 -7.56 4.82 -9.95
C GLN A 290 -7.31 6.24 -9.43
N TYR A 291 -6.69 7.06 -10.27
CA TYR A 291 -6.46 8.47 -9.94
C TYR A 291 -7.80 9.17 -9.68
N ILE A 292 -8.78 8.91 -10.54
CA ILE A 292 -10.11 9.49 -10.38
C ILE A 292 -10.77 8.96 -9.10
N PHE A 293 -10.57 7.68 -8.85
CA PHE A 293 -11.19 7.03 -7.69
C PHE A 293 -10.70 7.67 -6.39
N ILE A 294 -9.44 8.08 -6.36
CA ILE A 294 -8.93 8.80 -5.21
C ILE A 294 -9.80 10.01 -4.95
N HIS A 295 -10.11 10.73 -6.02
CA HIS A 295 -10.90 11.96 -5.87
C HIS A 295 -12.31 11.64 -5.40
N ASP A 296 -12.90 10.56 -5.91
CA ASP A 296 -14.25 10.17 -5.49
C ASP A 296 -14.32 9.85 -3.98
N ALA A 297 -13.29 9.19 -3.47
CA ALA A 297 -13.27 8.84 -2.06
C ALA A 297 -13.19 10.08 -1.19
N LEU A 298 -12.36 11.04 -1.61
CA LEU A 298 -12.23 12.28 -0.84
C LEU A 298 -13.52 13.08 -0.94
N LEU A 299 -14.15 13.07 -2.12
CA LEU A 299 -15.43 13.73 -2.30
C LEU A 299 -16.45 13.17 -1.32
N GLU A 300 -16.52 11.85 -1.21
CA GLU A 300 -17.44 11.21 -0.28
C GLU A 300 -17.19 11.67 1.15
N ALA A 301 -15.92 11.80 1.51
CA ALA A 301 -15.56 12.25 2.85
C ALA A 301 -15.97 13.70 3.07
N ILE A 302 -15.72 14.55 2.07
CA ILE A 302 -16.01 15.97 2.18
C ILE A 302 -17.52 16.23 2.27
N LEU A 303 -18.30 15.56 1.43
CA LEU A 303 -19.75 15.77 1.42
C LEU A 303 -20.42 15.08 2.61
N GLY A 304 -19.83 13.99 3.08
CA GLY A 304 -20.42 13.24 4.17
C GLY A 304 -20.44 13.98 5.49
V VO4 B . -1.53 -3.90 -7.92
O1 VO4 B . -1.53 -4.15 -9.62
O2 VO4 B . -1.65 -5.50 -7.32
O3 VO4 B . -0.11 -2.98 -7.65
O4 VO4 B . -2.92 -3.07 -7.53
C ACY C . -18.79 10.98 -19.45
O ACY C . -19.73 10.99 -20.22
OXT ACY C . -17.87 11.79 -19.56
CH3 ACY C . -18.72 9.96 -18.32
C ACY D . 3.32 4.89 -15.29
O ACY D . 2.33 4.79 -14.61
OXT ACY D . 4.20 5.70 -15.03
CH3 ACY D . 3.49 3.98 -16.51
#